data_6QKF
#
_entry.id   6QKF
#
_entity_poly.entity_id   1
_entity_poly.type   'polypeptide(L)'
_entity_poly.pdbx_seq_one_letter_code
;RGGRLCYCRGWICFCVGR
;
_entity_poly.pdbx_strand_id   A
#
# COMPACT_ATOMS: atom_id res chain seq x y z
N ARG A 1 -3.57 -9.81 7.55
CA ARG A 1 -3.73 -8.49 6.90
C ARG A 1 -2.65 -7.51 7.36
N GLY A 2 -2.15 -7.69 8.57
CA GLY A 2 -1.08 -6.85 9.08
C GLY A 2 -1.58 -5.55 9.66
N GLY A 3 -2.20 -4.73 8.82
CA GLY A 3 -2.71 -3.45 9.26
C GLY A 3 -2.79 -2.46 8.12
N ARG A 4 -1.64 -2.19 7.52
CA ARG A 4 -1.55 -1.31 6.37
C ARG A 4 -0.81 -2.01 5.24
N LEU A 5 -1.37 -1.96 4.04
CA LEU A 5 -0.78 -2.62 2.90
C LEU A 5 -0.41 -1.60 1.83
N CYS A 6 0.87 -1.54 1.50
CA CYS A 6 1.34 -0.57 0.53
C CYS A 6 1.80 -1.30 -0.73
N TYR A 7 1.17 -0.97 -1.85
CA TYR A 7 1.48 -1.61 -3.12
C TYR A 7 2.08 -0.61 -4.09
N CYS A 8 3.29 -0.87 -4.53
CA CYS A 8 3.96 0.00 -5.48
C CYS A 8 4.01 -0.68 -6.84
N ARG A 9 3.47 -0.02 -7.85
CA ARG A 9 3.39 -0.60 -9.18
C ARG A 9 4.03 0.34 -10.20
N GLY A 10 5.33 0.21 -10.37
CA GLY A 10 6.03 1.03 -11.34
C GLY A 10 6.39 2.38 -10.76
N TRP A 11 5.76 3.44 -11.25
CA TRP A 11 6.04 4.78 -10.79
C TRP A 11 4.87 5.33 -9.98
N ILE A 12 4.04 4.43 -9.49
CA ILE A 12 2.91 4.80 -8.64
C ILE A 12 2.78 3.79 -7.50
N CYS A 13 2.71 4.29 -6.28
CA CYS A 13 2.57 3.43 -5.12
C CYS A 13 1.50 3.95 -4.18
N PHE A 14 0.56 3.10 -3.84
CA PHE A 14 -0.54 3.45 -2.98
C PHE A 14 -0.57 2.52 -1.78
N CYS A 15 -1.09 2.99 -0.66
CA CYS A 15 -1.12 2.20 0.55
C CYS A 15 -2.45 2.38 1.27
N VAL A 16 -3.05 1.28 1.68
CA VAL A 16 -4.36 1.31 2.32
C VAL A 16 -4.30 0.73 3.73
N GLY A 17 -4.99 1.38 4.65
CA GLY A 17 -5.05 0.91 6.02
C GLY A 17 -6.46 0.54 6.43
N ARG A 18 -6.57 -0.41 7.34
CA ARG A 18 -7.89 -0.90 7.76
C ARG A 18 -8.11 -0.60 9.24
N ARG A 1 3.43 -7.21 12.21
CA ARG A 1 2.12 -7.20 11.53
C ARG A 1 1.91 -5.86 10.83
N GLY A 2 0.81 -5.73 10.11
CA GLY A 2 0.51 -4.50 9.43
C GLY A 2 -0.98 -4.26 9.33
N GLY A 3 -1.39 -3.01 9.54
CA GLY A 3 -2.80 -2.66 9.42
C GLY A 3 -3.18 -2.33 8.01
N ARG A 4 -2.25 -1.74 7.28
CA ARG A 4 -2.46 -1.40 5.88
C ARG A 4 -1.43 -2.10 5.01
N LEU A 5 -1.82 -2.39 3.78
CA LEU A 5 -0.95 -3.08 2.84
C LEU A 5 -0.57 -2.14 1.71
N CYS A 6 0.70 -2.15 1.34
CA CYS A 6 1.22 -1.22 0.37
C CYS A 6 1.61 -1.92 -0.91
N TYR A 7 1.24 -1.33 -2.04
CA TYR A 7 1.57 -1.86 -3.34
C TYR A 7 2.19 -0.77 -4.20
N CYS A 8 3.34 -1.06 -4.80
CA CYS A 8 4.00 -0.09 -5.66
C CYS A 8 3.86 -0.53 -7.11
N ARG A 9 3.20 0.29 -7.91
CA ARG A 9 2.87 -0.06 -9.27
C ARG A 9 3.44 0.95 -10.25
N GLY A 10 4.65 0.69 -10.71
CA GLY A 10 5.28 1.56 -11.68
C GLY A 10 5.75 2.87 -11.06
N TRP A 11 5.00 3.93 -11.31
CA TRP A 11 5.37 5.26 -10.84
C TRP A 11 4.59 5.66 -9.60
N ILE A 12 3.60 4.86 -9.23
CA ILE A 12 2.75 5.17 -8.11
C ILE A 12 2.67 4.00 -7.12
N CYS A 13 2.96 4.30 -5.87
CA CYS A 13 2.86 3.30 -4.82
C CYS A 13 1.86 3.76 -3.77
N PHE A 14 0.86 2.94 -3.51
CA PHE A 14 -0.25 3.32 -2.66
C PHE A 14 -0.53 2.23 -1.64
N CYS A 15 -1.09 2.62 -0.50
CA CYS A 15 -1.39 1.65 0.56
C CYS A 15 -2.88 1.62 0.84
N VAL A 16 -3.42 0.42 1.01
CA VAL A 16 -4.83 0.23 1.32
C VAL A 16 -4.99 -0.41 2.69
N GLY A 17 -6.08 -0.11 3.37
CA GLY A 17 -6.34 -0.69 4.67
C GLY A 17 -7.79 -0.59 5.05
N ARG A 18 -8.36 -1.70 5.49
CA ARG A 18 -9.76 -1.72 5.89
C ARG A 18 -9.94 -2.68 7.07
N ARG A 1 -6.98 -3.05 15.00
CA ARG A 1 -7.20 -4.36 14.34
C ARG A 1 -7.37 -4.17 12.83
N GLY A 2 -6.44 -4.73 12.07
CA GLY A 2 -6.52 -4.64 10.63
C GLY A 2 -5.15 -4.83 9.99
N GLY A 3 -4.41 -3.74 9.88
CA GLY A 3 -3.09 -3.81 9.29
C GLY A 3 -2.90 -2.75 8.23
N ARG A 4 -2.02 -3.02 7.26
CA ARG A 4 -1.80 -2.11 6.15
C ARG A 4 -1.11 -2.80 4.99
N LEU A 5 -1.64 -2.59 3.79
CA LEU A 5 -1.08 -3.17 2.60
C LEU A 5 -0.59 -2.07 1.67
N CYS A 6 0.69 -2.06 1.38
CA CYS A 6 1.27 -1.01 0.55
C CYS A 6 1.71 -1.58 -0.80
N TYR A 7 1.16 -1.03 -1.87
CA TYR A 7 1.48 -1.49 -3.21
C TYR A 7 2.24 -0.40 -3.96
N CYS A 8 3.45 -0.70 -4.36
CA CYS A 8 4.26 0.25 -5.12
C CYS A 8 4.81 -0.45 -6.36
N ARG A 9 4.44 0.07 -7.53
CA ARG A 9 4.83 -0.55 -8.79
C ARG A 9 4.99 0.50 -9.87
N GLY A 10 6.21 0.74 -10.28
CA GLY A 10 6.47 1.70 -11.34
C GLY A 10 6.23 3.12 -10.88
N TRP A 11 5.18 3.75 -11.40
CA TRP A 11 4.87 5.13 -11.06
C TRP A 11 3.59 5.23 -10.25
N ILE A 12 3.05 4.09 -9.86
CA ILE A 12 1.88 4.07 -9.00
C ILE A 12 2.20 3.33 -7.71
N CYS A 13 2.07 4.04 -6.60
CA CYS A 13 2.35 3.48 -5.29
C CYS A 13 1.38 4.04 -4.26
N PHE A 14 0.63 3.15 -3.63
CA PHE A 14 -0.38 3.54 -2.66
C PHE A 14 -0.46 2.49 -1.56
N CYS A 15 -0.84 2.91 -0.38
CA CYS A 15 -0.95 1.98 0.73
C CYS A 15 -2.26 2.21 1.46
N VAL A 16 -2.95 1.11 1.76
CA VAL A 16 -4.22 1.18 2.47
C VAL A 16 -4.08 0.56 3.85
N GLY A 17 -4.62 1.25 4.85
CA GLY A 17 -4.44 0.80 6.22
C GLY A 17 -5.75 0.68 6.96
N ARG A 18 -5.78 -0.24 7.90
CA ARG A 18 -6.95 -0.45 8.74
C ARG A 18 -6.55 -0.33 10.20
N ARG A 1 3.26 -3.15 10.94
CA ARG A 1 2.70 -2.56 12.18
C ARG A 1 1.24 -2.97 12.40
N GLY A 2 0.59 -3.50 11.36
CA GLY A 2 -0.79 -3.89 11.51
C GLY A 2 -1.46 -4.18 10.17
N GLY A 3 -2.71 -3.76 10.04
CA GLY A 3 -3.47 -4.04 8.83
C GLY A 3 -3.29 -2.99 7.76
N ARG A 4 -2.04 -2.59 7.55
CA ARG A 4 -1.74 -1.61 6.51
C ARG A 4 -0.78 -2.24 5.51
N LEU A 5 -1.17 -2.20 4.24
CA LEU A 5 -0.36 -2.77 3.18
C LEU A 5 -0.16 -1.74 2.08
N CYS A 6 1.08 -1.47 1.73
CA CYS A 6 1.35 -0.49 0.70
C CYS A 6 1.97 -1.16 -0.52
N TYR A 7 1.45 -0.80 -1.69
CA TYR A 7 1.87 -1.43 -2.93
C TYR A 7 2.38 -0.38 -3.91
N CYS A 8 3.58 -0.61 -4.43
CA CYS A 8 4.17 0.27 -5.42
C CYS A 8 4.19 -0.42 -6.78
N ARG A 9 3.51 0.17 -7.75
CA ARG A 9 3.42 -0.42 -9.08
C ARG A 9 4.13 0.46 -10.11
N GLY A 10 5.44 0.21 -10.27
CA GLY A 10 6.21 0.94 -11.26
C GLY A 10 6.45 2.38 -10.87
N TRP A 11 5.51 3.23 -11.21
CA TRP A 11 5.62 4.66 -10.95
C TRP A 11 4.58 5.13 -9.94
N ILE A 12 3.55 4.32 -9.74
CA ILE A 12 2.45 4.68 -8.84
C ILE A 12 2.43 3.76 -7.63
N CYS A 13 2.58 4.34 -6.45
CA CYS A 13 2.57 3.58 -5.22
C CYS A 13 1.53 4.13 -4.25
N PHE A 14 0.68 3.27 -3.75
CA PHE A 14 -0.39 3.67 -2.85
C PHE A 14 -0.50 2.68 -1.70
N CYS A 15 -0.94 3.15 -0.54
CA CYS A 15 -1.03 2.31 0.63
C CYS A 15 -2.49 2.14 1.06
N VAL A 16 -2.88 0.91 1.37
CA VAL A 16 -4.24 0.63 1.79
C VAL A 16 -4.29 0.18 3.25
N GLY A 17 -5.25 0.72 3.99
CA GLY A 17 -5.42 0.37 5.38
C GLY A 17 -6.79 0.76 5.88
N ARG A 18 -7.34 -0.03 6.80
CA ARG A 18 -8.67 0.21 7.31
C ARG A 18 -8.77 -0.22 8.78
N ARG A 1 -3.18 -3.91 15.23
CA ARG A 1 -1.86 -4.39 14.76
C ARG A 1 -1.44 -3.66 13.48
N GLY A 2 -2.10 -2.55 13.16
CA GLY A 2 -1.78 -1.81 11.97
C GLY A 2 -2.76 -2.08 10.86
N GLY A 3 -2.59 -3.21 10.19
CA GLY A 3 -3.49 -3.59 9.12
C GLY A 3 -3.38 -2.67 7.92
N ARG A 4 -2.15 -2.40 7.48
CA ARG A 4 -1.93 -1.57 6.31
C ARG A 4 -0.92 -2.23 5.37
N LEU A 5 -1.29 -2.34 4.11
CA LEU A 5 -0.43 -2.93 3.10
C LEU A 5 -0.17 -1.92 2.00
N CYS A 6 1.09 -1.65 1.72
CA CYS A 6 1.45 -0.62 0.76
C CYS A 6 2.08 -1.24 -0.47
N TYR A 7 1.48 -0.96 -1.62
CA TYR A 7 1.90 -1.56 -2.87
C TYR A 7 2.48 -0.51 -3.81
N CYS A 8 3.69 -0.73 -4.26
CA CYS A 8 4.32 0.17 -5.20
C CYS A 8 4.37 -0.49 -6.58
N ARG A 9 3.73 0.14 -7.55
CA ARG A 9 3.58 -0.44 -8.87
C ARG A 9 3.95 0.57 -9.96
N GLY A 10 5.03 0.28 -10.66
CA GLY A 10 5.45 1.14 -11.75
C GLY A 10 5.93 2.49 -11.27
N TRP A 11 5.17 3.53 -11.61
CA TRP A 11 5.55 4.90 -11.30
C TRP A 11 4.73 5.44 -10.13
N ILE A 12 3.85 4.61 -9.59
CA ILE A 12 2.99 5.01 -8.48
C ILE A 12 3.06 4.01 -7.34
N CYS A 13 2.84 4.47 -6.12
CA CYS A 13 2.76 3.59 -4.98
C CYS A 13 1.64 4.02 -4.06
N PHE A 14 0.77 3.08 -3.71
CA PHE A 14 -0.41 3.36 -2.90
C PHE A 14 -0.48 2.39 -1.72
N CYS A 15 -1.08 2.82 -0.63
CA CYS A 15 -1.15 1.97 0.55
C CYS A 15 -2.57 1.90 1.09
N VAL A 16 -3.04 0.68 1.34
CA VAL A 16 -4.38 0.45 1.85
C VAL A 16 -4.32 -0.09 3.28
N GLY A 17 -4.89 0.65 4.21
CA GLY A 17 -4.87 0.23 5.59
C GLY A 17 -5.91 0.94 6.43
N ARG A 18 -6.58 0.19 7.28
CA ARG A 18 -7.62 0.74 8.13
C ARG A 18 -7.41 0.29 9.57
N ARG A 1 1.29 -2.97 8.59
CA ARG A 1 1.54 -4.36 9.03
C ARG A 1 0.23 -5.12 9.15
N GLY A 2 0.00 -6.06 8.24
CA GLY A 2 -1.23 -6.84 8.28
C GLY A 2 -2.44 -6.06 7.83
N GLY A 3 -2.93 -5.19 8.70
CA GLY A 3 -4.09 -4.37 8.37
C GLY A 3 -3.73 -3.29 7.37
N ARG A 4 -2.49 -2.83 7.43
CA ARG A 4 -2.01 -1.83 6.48
C ARG A 4 -0.93 -2.42 5.59
N LEU A 5 -1.19 -2.40 4.29
CA LEU A 5 -0.24 -2.87 3.29
C LEU A 5 -0.05 -1.80 2.23
N CYS A 6 1.19 -1.42 1.98
CA CYS A 6 1.47 -0.34 1.06
C CYS A 6 2.64 -0.70 0.15
N TYR A 7 2.42 -0.64 -1.15
CA TYR A 7 3.42 -1.05 -2.13
C TYR A 7 3.49 -0.05 -3.27
N CYS A 8 4.66 0.08 -3.86
CA CYS A 8 4.84 0.95 -5.00
C CYS A 8 5.04 0.09 -6.26
N ARG A 9 4.19 0.30 -7.25
CA ARG A 9 4.17 -0.55 -8.44
C ARG A 9 4.27 0.30 -9.70
N GLY A 10 5.37 0.13 -10.43
CA GLY A 10 5.55 0.86 -11.65
C GLY A 10 6.01 2.28 -11.40
N TRP A 11 5.13 3.23 -11.63
CA TRP A 11 5.42 4.63 -11.35
C TRP A 11 4.41 5.22 -10.38
N ILE A 12 3.49 4.37 -9.93
CA ILE A 12 2.52 4.79 -8.95
C ILE A 12 2.69 3.99 -7.66
N CYS A 13 2.35 4.58 -6.54
CA CYS A 13 2.45 3.88 -5.27
C CYS A 13 1.16 4.02 -4.49
N PHE A 14 0.74 2.95 -3.85
CA PHE A 14 -0.52 2.94 -3.12
C PHE A 14 -0.30 2.43 -1.71
N CYS A 15 -1.15 2.87 -0.80
CA CYS A 15 -1.02 2.52 0.59
C CYS A 15 -2.41 2.31 1.18
N VAL A 16 -2.70 1.10 1.63
CA VAL A 16 -4.03 0.76 2.09
C VAL A 16 -3.99 0.24 3.52
N GLY A 17 -4.67 0.93 4.43
CA GLY A 17 -4.69 0.51 5.81
C GLY A 17 -5.94 0.99 6.53
N ARG A 18 -6.25 0.34 7.63
CA ARG A 18 -7.39 0.72 8.45
C ARG A 18 -6.92 1.08 9.84
N ARG A 1 2.52 -4.91 12.93
CA ARG A 1 1.28 -4.51 13.63
C ARG A 1 0.58 -3.40 12.86
N GLY A 2 -0.71 -3.61 12.57
CA GLY A 2 -1.47 -2.63 11.85
C GLY A 2 -1.76 -3.08 10.44
N GLY A 3 -3.03 -3.04 10.06
CA GLY A 3 -3.43 -3.49 8.73
C GLY A 3 -3.17 -2.43 7.67
N ARG A 4 -1.90 -2.13 7.47
CA ARG A 4 -1.51 -1.17 6.45
C ARG A 4 -0.68 -1.87 5.39
N LEU A 5 -1.16 -1.85 4.16
CA LEU A 5 -0.48 -2.52 3.06
C LEU A 5 -0.27 -1.57 1.90
N CYS A 6 0.95 -1.53 1.38
CA CYS A 6 1.28 -0.68 0.26
C CYS A 6 1.63 -1.53 -0.95
N TYR A 7 1.10 -1.16 -2.11
CA TYR A 7 1.40 -1.89 -3.34
C TYR A 7 2.02 -0.93 -4.34
N CYS A 8 3.24 -1.23 -4.76
CA CYS A 8 3.97 -0.35 -5.64
C CYS A 8 4.08 -0.93 -7.03
N ARG A 9 3.64 -0.17 -8.03
CA ARG A 9 3.75 -0.56 -9.42
C ARG A 9 4.46 0.53 -10.20
N GLY A 10 5.79 0.50 -10.17
CA GLY A 10 6.58 1.45 -10.93
C GLY A 10 6.48 2.87 -10.38
N TRP A 11 5.67 3.69 -11.02
CA TRP A 11 5.57 5.10 -10.67
C TRP A 11 4.35 5.38 -9.82
N ILE A 12 3.66 4.33 -9.40
CA ILE A 12 2.51 4.49 -8.54
C ILE A 12 2.51 3.45 -7.42
N CYS A 13 2.53 3.92 -6.19
CA CYS A 13 2.44 3.03 -5.05
C CYS A 13 1.45 3.61 -4.05
N PHE A 14 0.40 2.85 -3.77
CA PHE A 14 -0.65 3.31 -2.89
C PHE A 14 -0.68 2.47 -1.62
N CYS A 15 -1.13 3.06 -0.53
CA CYS A 15 -1.17 2.39 0.75
C CYS A 15 -2.59 2.32 1.29
N VAL A 16 -2.98 1.14 1.75
CA VAL A 16 -4.30 0.93 2.31
C VAL A 16 -4.20 0.67 3.80
N GLY A 17 -4.84 1.50 4.60
CA GLY A 17 -4.79 1.35 6.03
C GLY A 17 -6.14 0.98 6.59
N ARG A 18 -6.19 -0.09 7.36
CA ARG A 18 -7.42 -0.57 7.95
C ARG A 18 -7.36 -0.41 9.47
N ARG A 1 2.08 -4.31 12.88
CA ARG A 1 2.48 -5.57 12.23
C ARG A 1 2.10 -5.53 10.76
N GLY A 2 0.81 -5.59 10.48
CA GLY A 2 0.33 -5.55 9.12
C GLY A 2 -1.05 -4.95 9.04
N GLY A 3 -1.24 -3.82 9.71
CA GLY A 3 -2.51 -3.15 9.71
C GLY A 3 -2.79 -2.45 8.39
N ARG A 4 -1.74 -2.11 7.67
CA ARG A 4 -1.88 -1.45 6.39
C ARG A 4 -1.11 -2.20 5.32
N LEU A 5 -1.63 -2.17 4.11
CA LEU A 5 -0.99 -2.83 2.99
C LEU A 5 -0.61 -1.80 1.93
N CYS A 6 0.67 -1.72 1.62
CA CYS A 6 1.15 -0.70 0.71
C CYS A 6 1.62 -1.35 -0.59
N TYR A 7 1.03 -0.93 -1.69
CA TYR A 7 1.32 -1.52 -2.99
C TYR A 7 1.98 -0.50 -3.91
N CYS A 8 3.19 -0.81 -4.34
CA CYS A 8 3.90 0.04 -5.29
C CYS A 8 3.93 -0.66 -6.64
N ARG A 9 3.62 0.08 -7.69
CA ARG A 9 3.50 -0.50 -9.01
C ARG A 9 4.02 0.48 -10.07
N GLY A 10 5.16 0.15 -10.65
CA GLY A 10 5.74 0.99 -11.67
C GLY A 10 6.32 2.27 -11.10
N TRP A 11 5.70 3.40 -11.42
CA TRP A 11 6.18 4.69 -10.98
C TRP A 11 5.31 5.24 -9.86
N ILE A 12 4.20 4.57 -9.61
CA ILE A 12 3.25 5.02 -8.59
C ILE A 12 3.13 4.00 -7.47
N CYS A 13 2.83 4.47 -6.27
CA CYS A 13 2.62 3.59 -5.14
C CYS A 13 1.51 4.14 -4.26
N PHE A 14 0.68 3.24 -3.76
CA PHE A 14 -0.46 3.61 -2.93
C PHE A 14 -0.58 2.62 -1.78
N CYS A 15 -1.13 3.05 -0.67
CA CYS A 15 -1.25 2.18 0.49
C CYS A 15 -2.63 2.29 1.11
N VAL A 16 -3.20 1.14 1.43
CA VAL A 16 -4.52 1.08 2.05
C VAL A 16 -4.42 0.52 3.46
N GLY A 17 -4.90 1.29 4.43
CA GLY A 17 -4.81 0.88 5.81
C GLY A 17 -6.16 0.57 6.43
N ARG A 18 -6.32 -0.66 6.86
CA ARG A 18 -7.54 -1.09 7.54
C ARG A 18 -7.30 -2.41 8.25
N ARG A 1 0.84 -5.74 4.87
CA ARG A 1 -0.06 -6.89 5.11
C ARG A 1 -0.89 -6.66 6.36
N GLY A 2 -2.16 -7.05 6.31
CA GLY A 2 -3.02 -6.97 7.48
C GLY A 2 -3.43 -5.55 7.82
N GLY A 3 -2.62 -4.90 8.67
CA GLY A 3 -2.94 -3.58 9.14
C GLY A 3 -3.02 -2.56 8.02
N ARG A 4 -2.09 -2.66 7.08
CA ARG A 4 -2.08 -1.79 5.91
C ARG A 4 -1.43 -2.48 4.74
N LEU A 5 -1.85 -2.14 3.55
CA LEU A 5 -1.27 -2.68 2.33
C LEU A 5 -0.57 -1.57 1.56
N CYS A 6 0.73 -1.74 1.34
CA CYS A 6 1.50 -0.80 0.55
C CYS A 6 2.11 -1.50 -0.64
N TYR A 7 1.75 -1.07 -1.83
CA TYR A 7 2.27 -1.66 -3.05
C TYR A 7 2.76 -0.58 -4.01
N CYS A 8 4.03 -0.66 -4.35
CA CYS A 8 4.61 0.26 -5.32
C CYS A 8 4.87 -0.49 -6.62
N ARG A 9 4.21 -0.05 -7.69
CA ARG A 9 4.30 -0.71 -8.98
C ARG A 9 4.46 0.32 -10.08
N GLY A 10 5.62 0.31 -10.73
CA GLY A 10 5.90 1.30 -11.75
C GLY A 10 6.16 2.66 -11.15
N TRP A 11 5.27 3.60 -11.40
CA TRP A 11 5.41 4.93 -10.84
C TRP A 11 4.21 5.27 -9.96
N ILE A 12 3.45 4.25 -9.59
CA ILE A 12 2.32 4.43 -8.70
C ILE A 12 2.40 3.49 -7.51
N CYS A 13 2.48 4.08 -6.33
CA CYS A 13 2.50 3.32 -5.09
C CYS A 13 1.40 3.83 -4.17
N PHE A 14 0.71 2.90 -3.52
CA PHE A 14 -0.42 3.26 -2.68
C PHE A 14 -0.41 2.48 -1.39
N CYS A 15 -0.96 3.06 -0.36
CA CYS A 15 -1.11 2.40 0.93
C CYS A 15 -2.55 2.50 1.39
N VAL A 16 -3.11 1.38 1.83
CA VAL A 16 -4.50 1.34 2.28
C VAL A 16 -4.63 0.48 3.52
N GLY A 17 -5.27 1.02 4.54
CA GLY A 17 -5.47 0.29 5.77
C GLY A 17 -6.93 0.03 6.02
N ARG A 18 -7.34 -1.23 5.89
CA ARG A 18 -8.73 -1.61 6.09
C ARG A 18 -8.82 -2.71 7.13
N ARG A 1 -7.57 -5.52 15.93
CA ARG A 1 -6.81 -5.99 14.74
C ARG A 1 -6.86 -4.96 13.63
N GLY A 2 -6.15 -5.24 12.54
CA GLY A 2 -6.11 -4.32 11.42
C GLY A 2 -5.05 -4.71 10.42
N GLY A 3 -4.39 -3.72 9.85
CA GLY A 3 -3.34 -4.00 8.89
C GLY A 3 -3.17 -2.90 7.89
N ARG A 4 -1.94 -2.71 7.42
CA ARG A 4 -1.65 -1.74 6.39
C ARG A 4 -1.00 -2.44 5.20
N LEU A 5 -1.65 -2.37 4.06
CA LEU A 5 -1.16 -3.01 2.85
C LEU A 5 -0.86 -1.96 1.79
N CYS A 6 0.37 -1.88 1.37
CA CYS A 6 0.76 -0.89 0.38
C CYS A 6 1.33 -1.56 -0.86
N TYR A 7 0.85 -1.13 -2.03
CA TYR A 7 1.28 -1.72 -3.29
C TYR A 7 1.89 -0.65 -4.17
N CYS A 8 3.14 -0.86 -4.56
CA CYS A 8 3.86 0.12 -5.35
C CYS A 8 4.67 -0.58 -6.44
N ARG A 9 4.46 -0.16 -7.68
CA ARG A 9 5.16 -0.76 -8.82
C ARG A 9 5.32 0.25 -9.93
N GLY A 10 6.54 0.75 -10.10
CA GLY A 10 6.82 1.68 -11.17
C GLY A 10 6.53 3.11 -10.76
N TRP A 11 5.48 3.68 -11.33
CA TRP A 11 5.14 5.08 -11.06
C TRP A 11 3.88 5.18 -10.21
N ILE A 12 3.30 4.04 -9.89
CA ILE A 12 2.10 4.00 -9.07
C ILE A 12 2.41 3.35 -7.73
N CYS A 13 2.14 4.09 -6.66
CA CYS A 13 2.39 3.61 -5.31
C CYS A 13 1.32 4.15 -4.37
N PHE A 14 0.56 3.24 -3.76
CA PHE A 14 -0.52 3.64 -2.87
C PHE A 14 -0.61 2.66 -1.71
N CYS A 15 -0.98 3.16 -0.54
CA CYS A 15 -1.04 2.34 0.65
C CYS A 15 -2.45 2.37 1.24
N VAL A 16 -2.94 1.20 1.63
CA VAL A 16 -4.27 1.09 2.25
C VAL A 16 -4.14 0.56 3.67
N GLY A 17 -4.60 1.34 4.64
CA GLY A 17 -4.52 0.92 6.02
C GLY A 17 -5.81 1.19 6.77
N ARG A 18 -6.08 0.37 7.78
CA ARG A 18 -7.29 0.52 8.57
C ARG A 18 -6.96 0.96 9.99
#